data_4F3L
#
_entry.id   4F3L
#
_cell.length_a   67.242
_cell.length_b   71.955
_cell.length_c   173.306
_cell.angle_alpha   90.00
_cell.angle_beta   90.00
_cell.angle_gamma   90.00
#
_symmetry.space_group_name_H-M   'P 21 21 21'
#
loop_
_entity.id
_entity.type
_entity.pdbx_description
1 polymer BMAL1b
2 polymer 'Circadian locomoter output cycles protein kaput'
3 water water
#
loop_
_entity_poly.entity_id
_entity_poly.type
_entity_poly.pdbx_seq_one_letter_code
_entity_poly.pdbx_strand_id
1 'polypeptide(L)'
;MEYAEHQGRIKNAREAHSQIEKRRRDKMNSFIDELASLVPTCNAMSRKLDKLTVLRMAVQHMKTLRGATNPYTEANYKPT
FLSDDELKHLILRAADGFLFVVGCDRGKILFVSESVFKILNYSQNDLIGQSLFDYLHPKDIAKVKEQLSSSDTAPRERLI
DAKTGLPVKTDITPGPSRLCSGARRSFFCRMKCNRPSVKVEDKDFASTCSKKKADRKSFCTIHSTGYLKSWPPTKMGLDE
DNEPDNEGCNLSCLVAIGRLHSHMVPQPANGEIRVKSMEYVSRHAIDGKFVFVDQRATAILAYLPQELLGTSCYEYFHQD
DIGHLAECHRQVLQTREKITTNCYKFKIKDGSFITLRSRWFSFMNPWTKEVEYIVSTNTVVLANVLE
;
B
2 'polypeptide(L)'
;GAVEEDDKDKAKRVSRNKSEKKRRDQFNVLIKELGSMLPGNARKMDKSTVLQKSIDFLRKHKETTAQSDASEIRQDWKPT
FLSNEEFTQLMLEALDGFFLAIMTDGSIIYVSESVTSLLEHLPSDLVDQSIFNFIPEGEHSEVYKILSTHLLESDSLTPE
YLKSKNQLEFCCHMLRGTIDPKEPSTYEYVRFIGNFKSLTSVSTSTHNGFEGTIQRTHRPSYEDRVCFVATVRLATPQFI
KEMCTVEEPNEEFTSRHSLEWKFLFLDHRAPPIIGYLPFEVLGTSGYDYYHVDDLENLAKCHEHLMQYGKGKSCYYRFLT
KGQQWIWLQTHYYITYHQWNSRPEFIVCTHTVVSYAEVRAE
;
A
#
# COMPACT_ATOMS: atom_id res chain seq x y z
N LYS A 11 22.77 59.24 28.60
CA LYS A 11 23.83 60.23 28.47
C LYS A 11 24.36 60.31 27.03
N ASN A 12 24.89 61.47 26.66
CA ASN A 12 25.42 61.67 25.31
C ASN A 12 26.35 60.56 24.85
N ALA A 13 27.27 60.15 25.73
CA ALA A 13 28.16 59.06 25.41
C ALA A 13 27.36 57.80 25.10
N ARG A 14 26.65 57.30 26.11
CA ARG A 14 25.86 56.09 25.96
C ARG A 14 24.90 56.14 24.76
N GLU A 15 24.66 57.35 24.24
CA GLU A 15 23.69 57.56 23.17
C GLU A 15 23.93 56.76 21.90
N ALA A 16 25.10 56.94 21.29
CA ALA A 16 25.45 56.20 20.08
C ALA A 16 25.22 54.70 20.28
N HIS A 17 25.66 54.19 21.43
CA HIS A 17 25.50 52.78 21.77
C HIS A 17 24.04 52.34 21.84
N SER A 18 23.18 53.17 22.43
CA SER A 18 21.76 52.83 22.56
C SER A 18 21.04 52.96 21.22
N GLN A 19 21.68 53.64 20.28
CA GLN A 19 21.18 53.71 18.91
C GLN A 19 21.56 52.44 18.16
N ILE A 20 22.72 51.89 18.46
CA ILE A 20 23.11 50.58 17.94
C ILE A 20 22.16 49.51 18.49
N GLU A 21 21.72 49.70 19.72
CA GLU A 21 20.80 48.78 20.37
C GLU A 21 19.41 48.83 19.76
N LYS A 22 18.89 50.04 19.58
CA LYS A 22 17.56 50.20 18.98
C LYS A 22 17.54 49.70 17.55
N ARG A 23 18.62 49.96 16.81
CA ARG A 23 18.71 49.54 15.43
C ARG A 23 18.79 48.02 15.31
N ARG A 24 19.54 47.39 16.20
CA ARG A 24 19.65 45.94 16.22
C ARG A 24 18.31 45.29 16.59
N ARG A 25 17.59 45.94 17.50
CA ARG A 25 16.29 45.44 17.96
C ARG A 25 15.22 45.52 16.89
N ASP A 26 15.16 46.65 16.20
CA ASP A 26 14.18 46.85 15.15
C ASP A 26 14.47 45.93 13.97
N LYS A 27 15.75 45.79 13.65
CA LYS A 27 16.19 44.86 12.60
C LYS A 27 15.78 43.43 12.94
N MET A 28 15.95 43.07 14.22
CA MET A 28 15.65 41.74 14.69
C MET A 28 14.16 41.44 14.56
N ASN A 29 13.33 42.39 15.00
CA ASN A 29 11.88 42.24 14.95
C ASN A 29 11.38 42.14 13.52
N SER A 30 11.99 42.91 12.62
CA SER A 30 11.62 42.85 11.21
C SER A 30 11.98 41.48 10.64
N PHE A 31 13.11 40.92 11.08
CA PHE A 31 13.50 39.57 10.69
C PHE A 31 12.47 38.56 11.14
N ILE A 32 11.98 38.72 12.37
CA ILE A 32 11.02 37.77 12.93
C ILE A 32 9.70 37.85 12.20
N ASP A 33 9.34 39.04 11.74
CA ASP A 33 8.09 39.23 11.02
C ASP A 33 8.17 38.61 9.64
N GLU A 34 9.29 38.81 8.97
CA GLU A 34 9.51 38.24 7.65
C GLU A 34 9.47 36.72 7.76
N LEU A 35 10.25 36.21 8.71
CA LEU A 35 10.30 34.78 9.00
C LEU A 35 8.91 34.22 9.22
N ALA A 36 8.10 34.94 9.99
CA ALA A 36 6.74 34.51 10.30
C ALA A 36 5.90 34.41 9.03
N SER A 37 6.03 35.39 8.16
CA SER A 37 5.27 35.41 6.93
C SER A 37 5.66 34.26 6.01
N LEU A 38 6.90 33.78 6.16
CA LEU A 38 7.37 32.64 5.36
C LEU A 38 6.92 31.30 5.93
N VAL A 39 6.58 31.28 7.21
CA VAL A 39 6.14 30.05 7.86
C VAL A 39 4.62 29.88 7.75
N PRO A 40 4.18 28.83 7.05
CA PRO A 40 2.76 28.54 6.87
C PRO A 40 1.97 28.64 8.17
N THR A 41 2.39 27.84 9.16
CA THR A 41 1.73 27.80 10.47
C THR A 41 1.53 29.19 11.09
N CYS A 42 2.60 29.97 11.15
CA CYS A 42 2.53 31.32 11.75
C CYS A 42 1.65 32.25 10.93
N ASN A 43 1.91 32.31 9.63
CA ASN A 43 1.22 33.23 8.74
C ASN A 43 -0.30 33.08 8.78
N ALA A 44 -0.75 31.83 8.85
CA ALA A 44 -2.18 31.54 8.86
C ALA A 44 -2.93 32.28 9.98
N MET A 45 -2.45 32.13 11.21
CA MET A 45 -3.15 32.67 12.37
C MET A 45 -3.45 34.17 12.27
N SER A 46 -4.69 34.55 12.59
CA SER A 46 -5.11 35.95 12.57
C SER A 46 -4.52 36.71 13.74
N ARG A 47 -4.47 36.05 14.89
CA ARG A 47 -3.92 36.65 16.10
C ARG A 47 -2.41 36.86 15.96
N LYS A 48 -1.92 37.95 16.55
CA LYS A 48 -0.49 38.25 16.53
C LYS A 48 0.27 37.23 17.38
N LEU A 49 1.49 36.91 16.97
CA LEU A 49 2.29 35.91 17.67
C LEU A 49 3.49 36.54 18.40
N ASP A 50 3.84 35.95 19.53
CA ASP A 50 5.00 36.38 20.30
C ASP A 50 6.29 35.94 19.61
N LYS A 51 7.32 36.77 19.71
CA LYS A 51 8.60 36.53 19.03
C LYS A 51 9.19 35.15 19.30
N LEU A 52 9.22 34.76 20.58
CA LEU A 52 9.76 33.45 20.95
C LEU A 52 8.91 32.31 20.38
N THR A 53 7.62 32.55 20.22
CA THR A 53 6.73 31.51 19.71
C THR A 53 6.84 31.42 18.19
N VAL A 54 6.97 32.56 17.52
CA VAL A 54 7.23 32.56 16.09
C VAL A 54 8.53 31.81 15.82
N LEU A 55 9.47 31.96 16.75
CA LEU A 55 10.78 31.32 16.62
C LEU A 55 10.68 29.80 16.81
N ARG A 56 9.84 29.38 17.76
CA ARG A 56 9.65 27.96 18.01
C ARG A 56 8.96 27.26 16.85
N MET A 57 7.93 27.90 16.33
CA MET A 57 7.16 27.37 15.20
C MET A 57 8.02 27.31 13.94
N ALA A 58 8.84 28.35 13.76
CA ALA A 58 9.75 28.41 12.63
C ALA A 58 10.78 27.30 12.71
N VAL A 59 11.24 27.02 13.93
CA VAL A 59 12.20 25.93 14.13
C VAL A 59 11.59 24.56 13.82
N GLN A 60 10.32 24.36 14.18
CA GLN A 60 9.66 23.09 13.88
C GLN A 60 9.42 22.89 12.39
N HIS A 61 8.91 23.93 11.73
CA HIS A 61 8.73 23.91 10.28
C HIS A 61 10.06 23.55 9.61
N MET A 62 11.09 24.28 10.01
CA MET A 62 12.44 24.03 9.53
C MET A 62 12.86 22.58 9.77
N LYS A 63 12.31 21.98 10.83
CA LYS A 63 12.57 20.58 11.12
C LYS A 63 11.95 19.69 10.05
N THR A 64 10.73 20.03 9.62
CA THR A 64 10.09 19.25 8.57
C THR A 64 10.84 19.37 7.24
N LEU A 65 11.56 20.48 7.06
CA LEU A 65 12.29 20.69 5.80
C LEU A 65 13.72 20.14 5.75
N ARG A 66 14.41 20.10 6.90
CA ARG A 66 15.80 19.68 6.95
C ARG A 66 16.10 18.83 8.18
N GLY A 67 15.09 18.66 9.03
CA GLY A 67 15.27 17.96 10.29
C GLY A 67 15.75 16.52 10.15
N ALA A 68 16.27 15.97 11.25
CA ALA A 68 16.37 16.71 12.50
C ALA A 68 17.83 16.88 12.93
N ALA A 75 14.79 2.04 10.96
CA ALA A 75 13.98 3.24 10.72
C ALA A 75 12.50 2.90 10.65
N ASN A 76 11.69 3.69 11.34
CA ASN A 76 10.25 3.42 11.45
C ASN A 76 9.44 3.20 10.18
N TYR A 77 9.34 4.24 9.35
CA TYR A 77 8.60 4.13 8.10
C TYR A 77 9.36 4.88 7.00
N LYS A 78 10.47 5.50 7.39
CA LYS A 78 11.33 6.23 6.47
C LYS A 78 12.76 6.22 7.01
N PRO A 79 13.75 6.30 6.10
CA PRO A 79 15.12 6.35 6.60
C PRO A 79 15.30 7.53 7.53
N THR A 80 16.29 7.45 8.43
CA THR A 80 16.53 8.54 9.37
C THR A 80 17.14 9.76 8.67
N PHE A 81 17.76 9.54 7.53
CA PHE A 81 18.48 10.62 6.85
C PHE A 81 17.61 11.51 5.97
N LEU A 82 16.35 11.13 5.77
CA LEU A 82 15.43 11.94 4.98
C LEU A 82 14.55 12.81 5.86
N SER A 83 14.39 14.08 5.47
CA SER A 83 13.45 14.97 6.10
C SER A 83 12.04 14.58 5.71
N ASP A 84 11.05 15.19 6.34
CA ASP A 84 9.68 14.93 5.99
C ASP A 84 9.38 15.46 4.59
N ASP A 85 9.92 16.63 4.25
CA ASP A 85 9.67 17.15 2.92
C ASP A 85 10.27 16.23 1.86
N GLU A 86 11.50 15.77 2.09
CA GLU A 86 12.14 14.85 1.16
C GLU A 86 11.27 13.63 0.89
N LEU A 87 10.69 13.08 1.95
CA LEU A 87 9.87 11.90 1.83
C LEU A 87 8.61 12.21 1.03
N LYS A 88 8.06 13.40 1.23
CA LYS A 88 6.86 13.85 0.54
C LYS A 88 7.09 13.94 -0.97
N HIS A 89 8.20 14.57 -1.36
CA HIS A 89 8.54 14.68 -2.79
C HIS A 89 8.82 13.30 -3.37
N LEU A 90 9.45 12.44 -2.57
CA LEU A 90 9.83 11.11 -3.02
C LEU A 90 8.57 10.33 -3.37
N ILE A 91 7.54 10.49 -2.55
CA ILE A 91 6.30 9.75 -2.76
C ILE A 91 5.43 10.35 -3.89
N LEU A 92 5.27 11.67 -3.89
CA LEU A 92 4.46 12.36 -4.90
C LEU A 92 5.01 12.20 -6.32
N ARG A 93 6.33 12.13 -6.45
CA ARG A 93 6.92 11.92 -7.76
C ARG A 93 6.52 10.56 -8.32
N ALA A 94 6.26 9.61 -7.43
CA ALA A 94 5.88 8.26 -7.85
C ALA A 94 4.36 8.09 -7.87
N ALA A 95 3.64 9.12 -7.47
CA ALA A 95 2.19 9.00 -7.27
C ALA A 95 1.43 8.72 -8.56
N ASP A 96 0.27 8.11 -8.43
CA ASP A 96 -0.60 7.84 -9.56
C ASP A 96 -2.03 7.69 -9.05
N GLY A 97 -3.00 7.90 -9.93
CA GLY A 97 -4.40 7.83 -9.55
C GLY A 97 -4.83 9.09 -8.82
N PHE A 98 -5.81 8.96 -7.93
CA PHE A 98 -6.26 10.12 -7.16
C PHE A 98 -6.68 9.69 -5.79
N LEU A 99 -6.53 10.59 -4.82
CA LEU A 99 -6.98 10.32 -3.47
C LEU A 99 -8.38 10.87 -3.28
N PHE A 100 -9.25 10.10 -2.61
CA PHE A 100 -10.57 10.60 -2.26
C PHE A 100 -10.95 10.21 -0.84
N VAL A 101 -11.76 11.06 -0.22
CA VAL A 101 -12.32 10.80 1.09
C VAL A 101 -13.83 10.92 0.97
N VAL A 102 -14.53 9.84 1.32
N VAL A 102 -14.52 9.84 1.30
CA VAL A 102 -15.97 9.78 1.20
CA VAL A 102 -15.97 9.79 1.22
C VAL A 102 -16.63 9.42 2.53
C VAL A 102 -16.56 9.47 2.59
N GLY A 103 -17.58 10.24 2.97
CA GLY A 103 -18.26 10.00 4.24
C GLY A 103 -19.00 8.67 4.21
N CYS A 104 -18.75 7.83 5.21
CA CYS A 104 -19.39 6.51 5.26
C CYS A 104 -20.90 6.63 5.41
N ASP A 105 -21.35 7.62 6.18
CA ASP A 105 -22.78 7.80 6.45
C ASP A 105 -23.60 7.96 5.17
N ARG A 106 -23.34 9.05 4.43
CA ARG A 106 -24.19 9.44 3.31
C ARG A 106 -23.50 9.28 1.94
N GLY A 107 -22.23 8.89 1.96
CA GLY A 107 -21.49 8.66 0.73
C GLY A 107 -20.99 9.94 0.10
N LYS A 108 -21.02 11.03 0.86
CA LYS A 108 -20.61 12.31 0.32
C LYS A 108 -19.09 12.40 0.14
N ILE A 109 -18.67 12.90 -1.01
CA ILE A 109 -17.27 13.15 -1.29
C ILE A 109 -16.78 14.38 -0.52
N LEU A 110 -16.04 14.13 0.55
CA LEU A 110 -15.53 15.20 1.42
C LEU A 110 -14.24 15.74 0.86
N PHE A 111 -13.54 14.95 0.06
CA PHE A 111 -12.32 15.46 -0.57
C PHE A 111 -11.89 14.63 -1.77
N VAL A 112 -11.11 15.24 -2.64
CA VAL A 112 -10.56 14.53 -3.78
C VAL A 112 -9.38 15.32 -4.34
N SER A 113 -8.28 14.63 -4.66
CA SER A 113 -7.10 15.31 -5.18
C SER A 113 -7.39 15.85 -6.58
N GLU A 114 -6.73 16.93 -6.97
CA GLU A 114 -6.97 17.49 -8.29
C GLU A 114 -6.62 16.50 -9.40
N SER A 115 -5.71 15.57 -9.11
CA SER A 115 -5.36 14.53 -10.08
C SER A 115 -6.58 13.77 -10.61
N VAL A 116 -7.71 13.87 -9.91
CA VAL A 116 -8.93 13.18 -10.35
C VAL A 116 -9.34 13.60 -11.77
N PHE A 117 -9.01 14.83 -12.15
CA PHE A 117 -9.39 15.34 -13.45
C PHE A 117 -8.68 14.57 -14.56
N LYS A 118 -7.45 14.15 -14.29
CA LYS A 118 -6.74 13.33 -15.24
C LYS A 118 -7.47 12.00 -15.45
N ILE A 119 -8.05 11.44 -14.39
CA ILE A 119 -8.61 10.10 -14.43
C ILE A 119 -10.05 10.04 -14.96
N LEU A 120 -10.94 10.80 -14.33
CA LEU A 120 -12.37 10.75 -14.67
C LEU A 120 -12.79 11.96 -15.51
N ASN A 121 -11.89 12.92 -15.65
CA ASN A 121 -12.20 14.18 -16.32
C ASN A 121 -13.23 15.04 -15.58
N TYR A 122 -13.32 14.84 -14.27
CA TYR A 122 -14.04 15.73 -13.38
C TYR A 122 -13.03 16.49 -12.54
N SER A 123 -13.30 17.75 -12.25
CA SER A 123 -12.41 18.54 -11.39
C SER A 123 -12.81 18.37 -9.93
N GLN A 124 -11.95 18.83 -9.03
CA GLN A 124 -12.26 18.83 -7.60
C GLN A 124 -13.58 19.54 -7.33
N ASN A 125 -13.73 20.73 -7.88
CA ASN A 125 -14.94 21.54 -7.68
C ASN A 125 -16.20 20.79 -8.09
N ASP A 126 -16.11 20.06 -9.18
CA ASP A 126 -17.25 19.28 -9.66
C ASP A 126 -17.70 18.25 -8.61
N LEU A 127 -16.73 17.64 -7.94
CA LEU A 127 -17.00 16.45 -7.13
C LEU A 127 -17.20 16.71 -5.63
N ILE A 128 -16.39 17.60 -5.06
CA ILE A 128 -16.46 17.82 -3.63
C ILE A 128 -17.84 18.28 -3.17
N GLY A 129 -18.47 17.49 -2.32
CA GLY A 129 -19.80 17.81 -1.82
C GLY A 129 -20.88 16.94 -2.43
N GLN A 130 -20.58 16.37 -3.60
CA GLN A 130 -21.53 15.50 -4.28
C GLN A 130 -21.58 14.15 -3.58
N SER A 131 -22.57 13.34 -3.93
CA SER A 131 -22.64 11.98 -3.45
C SER A 131 -21.84 11.07 -4.38
N LEU A 132 -20.93 10.31 -3.82
CA LEU A 132 -20.14 9.36 -4.59
C LEU A 132 -21.02 8.45 -5.45
N PHE A 133 -22.22 8.13 -4.96
CA PHE A 133 -23.08 7.17 -5.64
C PHE A 133 -23.66 7.72 -6.95
N ASP A 134 -23.69 9.05 -7.08
CA ASP A 134 -24.09 9.68 -8.34
C ASP A 134 -23.03 9.49 -9.43
N TYR A 135 -21.84 9.06 -9.05
CA TYR A 135 -20.76 8.86 -10.02
C TYR A 135 -20.33 7.41 -10.13
N LEU A 136 -21.23 6.51 -9.75
CA LEU A 136 -20.96 5.08 -9.91
C LEU A 136 -21.93 4.45 -10.90
N HIS A 137 -21.47 3.40 -11.57
CA HIS A 137 -22.35 2.55 -12.34
C HIS A 137 -23.40 2.04 -11.37
N PRO A 138 -24.68 2.12 -11.76
CA PRO A 138 -25.79 1.74 -10.87
C PRO A 138 -25.61 0.34 -10.28
N LYS A 139 -25.06 -0.57 -11.07
CA LYS A 139 -24.84 -1.94 -10.62
C LYS A 139 -23.74 -2.04 -9.58
N ASP A 140 -23.10 -0.92 -9.24
CA ASP A 140 -21.98 -0.96 -8.31
C ASP A 140 -22.27 -0.24 -7.00
N ILE A 141 -23.34 0.55 -6.99
CA ILE A 141 -23.70 1.33 -5.82
C ILE A 141 -23.81 0.45 -4.58
N ALA A 142 -24.40 -0.73 -4.72
CA ALA A 142 -24.60 -1.64 -3.60
C ALA A 142 -23.29 -2.21 -3.05
N LYS A 143 -22.42 -2.67 -3.95
CA LYS A 143 -21.15 -3.25 -3.55
C LYS A 143 -20.29 -2.23 -2.81
N VAL A 144 -20.26 -1.00 -3.34
CA VAL A 144 -19.48 0.06 -2.70
C VAL A 144 -20.06 0.40 -1.34
N LYS A 145 -21.39 0.43 -1.25
CA LYS A 145 -22.07 0.63 0.03
C LYS A 145 -21.58 -0.37 1.06
N GLU A 146 -21.52 -1.65 0.66
CA GLU A 146 -20.97 -2.70 1.50
C GLU A 146 -19.56 -2.35 1.98
N GLN A 147 -18.79 -1.75 1.09
CA GLN A 147 -17.43 -1.34 1.46
C GLN A 147 -17.39 -0.25 2.54
N LEU A 148 -18.38 0.63 2.54
CA LEU A 148 -18.40 1.74 3.50
C LEU A 148 -18.93 1.36 4.89
N SER A 149 -19.66 0.25 4.98
CA SER A 149 -20.11 -0.24 6.27
C SER A 149 -18.91 -0.47 7.18
N SER A 150 -18.95 0.14 8.36
CA SER A 150 -17.78 0.23 9.22
C SER A 150 -17.57 -0.97 10.14
N SER A 151 -16.34 -1.15 10.59
CA SER A 151 -15.98 -2.25 11.48
C SER A 151 -14.99 -1.79 12.56
N ARG A 178 -0.55 3.65 11.52
CA ARG A 178 -1.49 3.10 12.48
C ARG A 178 -2.82 2.70 11.83
N LEU A 179 -2.74 2.22 10.59
CA LEU A 179 -3.92 1.75 9.88
C LEU A 179 -4.05 0.24 10.06
N CYS A 180 -5.13 -0.19 10.71
CA CYS A 180 -5.28 -1.60 11.07
C CYS A 180 -5.88 -2.42 9.94
N SER A 181 -5.55 -3.72 9.92
CA SER A 181 -5.99 -4.61 8.85
C SER A 181 -7.50 -4.64 8.71
N GLY A 182 -8.23 -4.50 9.82
CA GLY A 182 -9.68 -4.56 9.77
C GLY A 182 -10.30 -3.33 9.13
N ALA A 183 -9.57 -2.23 9.14
CA ALA A 183 -10.06 -0.97 8.58
C ALA A 183 -9.81 -0.89 7.07
N ARG A 184 -9.00 -1.79 6.54
CA ARG A 184 -8.68 -1.78 5.12
C ARG A 184 -9.87 -2.14 4.23
N ARG A 185 -10.00 -1.42 3.12
CA ARG A 185 -10.98 -1.71 2.09
C ARG A 185 -10.28 -1.69 0.73
N SER A 186 -10.72 -2.53 -0.19
CA SER A 186 -10.06 -2.64 -1.48
C SER A 186 -11.06 -3.26 -2.43
N PHE A 187 -11.34 -2.60 -3.54
CA PHE A 187 -12.42 -3.05 -4.40
C PHE A 187 -12.40 -2.37 -5.75
N PHE A 188 -12.94 -3.05 -6.76
CA PHE A 188 -13.14 -2.45 -8.07
C PHE A 188 -14.54 -1.89 -8.15
N CYS A 189 -14.71 -0.84 -8.94
CA CYS A 189 -16.04 -0.41 -9.32
C CYS A 189 -15.92 0.43 -10.56
N ARG A 190 -17.04 0.74 -11.19
CA ARG A 190 -17.05 1.55 -12.38
C ARG A 190 -17.50 2.95 -12.03
N MET A 191 -16.64 3.93 -12.31
CA MET A 191 -16.94 5.32 -12.00
C MET A 191 -17.22 6.08 -13.28
N LYS A 192 -18.10 7.07 -13.21
CA LYS A 192 -18.45 7.87 -14.38
C LYS A 192 -17.29 8.75 -14.81
N CYS A 193 -16.99 8.71 -16.11
CA CYS A 193 -16.05 9.65 -16.72
C CYS A 193 -16.84 10.77 -17.38
N ASN A 194 -16.37 12.01 -17.22
CA ASN A 194 -17.08 13.17 -17.73
C ASN A 194 -17.45 13.09 -19.21
N ARG A 195 -16.45 13.04 -20.09
CA ARG A 195 -16.70 12.93 -21.52
C ARG A 195 -16.64 11.48 -21.99
N PRO A 196 -17.74 10.99 -22.59
CA PRO A 196 -17.80 9.62 -23.12
C PRO A 196 -17.11 9.50 -24.48
N ARG A 216 -20.08 4.51 -24.48
CA ARG A 216 -19.51 3.24 -24.05
C ARG A 216 -18.32 3.47 -23.13
N LYS A 217 -17.77 4.67 -23.16
CA LYS A 217 -16.64 5.02 -22.30
C LYS A 217 -17.04 6.07 -21.26
N SER A 218 -18.32 6.05 -20.87
CA SER A 218 -18.80 6.94 -19.82
C SER A 218 -18.52 6.34 -18.44
N PHE A 219 -17.98 5.13 -18.42
CA PHE A 219 -17.49 4.52 -17.19
C PHE A 219 -16.07 3.99 -17.38
N CYS A 220 -15.27 4.09 -16.32
CA CYS A 220 -13.97 3.43 -16.32
C CYS A 220 -13.83 2.59 -15.05
N THR A 221 -13.11 1.50 -15.17
CA THR A 221 -12.94 0.58 -14.08
C THR A 221 -11.81 1.08 -13.19
N ILE A 222 -12.16 1.49 -11.98
CA ILE A 222 -11.23 2.01 -11.00
C ILE A 222 -11.05 1.02 -9.85
N HIS A 223 -9.80 0.78 -9.48
CA HIS A 223 -9.50 0.01 -8.28
C HIS A 223 -9.15 0.95 -7.14
N SER A 224 -9.82 0.80 -6.01
CA SER A 224 -9.57 1.66 -4.87
C SER A 224 -8.95 0.87 -3.73
N THR A 225 -7.91 1.44 -3.13
CA THR A 225 -7.27 0.88 -1.95
C THR A 225 -7.32 1.92 -0.85
N GLY A 226 -7.81 1.59 0.33
CA GLY A 226 -7.89 2.59 1.38
C GLY A 226 -8.20 2.04 2.75
N TYR A 227 -8.49 2.92 3.69
CA TYR A 227 -8.83 2.51 5.06
C TYR A 227 -9.97 3.37 5.60
N LEU A 228 -10.82 2.76 6.41
CA LEU A 228 -11.86 3.49 7.13
C LEU A 228 -11.22 4.33 8.22
N LYS A 229 -11.69 5.57 8.33
CA LYS A 229 -11.07 6.53 9.25
C LYS A 229 -12.15 7.35 9.97
N SER A 230 -11.78 7.92 11.11
CA SER A 230 -12.71 8.78 11.85
C SER A 230 -12.23 10.22 11.90
N ASN A 250 -14.46 12.81 14.25
CA ASN A 250 -15.84 12.69 14.69
C ASN A 250 -16.69 11.99 13.63
N LEU A 251 -16.33 12.18 12.36
CA LEU A 251 -17.05 11.56 11.26
C LEU A 251 -16.28 10.35 10.72
N SER A 252 -17.02 9.30 10.38
CA SER A 252 -16.43 8.09 9.82
C SER A 252 -16.40 8.17 8.30
N CYS A 253 -15.24 7.89 7.71
CA CYS A 253 -15.07 8.00 6.27
C CYS A 253 -14.04 7.02 5.73
N LEU A 254 -14.08 6.85 4.42
CA LEU A 254 -13.10 6.06 3.70
C LEU A 254 -12.08 6.99 3.07
N VAL A 255 -10.81 6.79 3.41
CA VAL A 255 -9.71 7.46 2.72
C VAL A 255 -9.04 6.46 1.79
N ALA A 256 -9.08 6.72 0.49
CA ALA A 256 -8.64 5.73 -0.48
C ALA A 256 -7.91 6.39 -1.64
N ILE A 257 -7.18 5.57 -2.41
CA ILE A 257 -6.56 6.00 -3.64
C ILE A 257 -7.23 5.18 -4.73
N GLY A 258 -7.78 5.86 -5.73
CA GLY A 258 -8.35 5.18 -6.87
C GLY A 258 -7.37 5.23 -8.02
N ARG A 259 -7.17 4.10 -8.69
CA ARG A 259 -6.28 4.00 -9.84
C ARG A 259 -6.99 3.37 -11.00
N LEU A 260 -6.71 3.88 -12.20
CA LEU A 260 -7.19 3.28 -13.42
C LEU A 260 -6.07 2.43 -14.01
N HIS A 261 -6.22 1.11 -13.97
CA HIS A 261 -5.18 0.20 -14.45
C HIS A 261 -5.32 -0.15 -15.93
N SER A 262 -4.19 -0.25 -16.62
CA SER A 262 -4.14 -0.69 -18.01
C SER A 262 -4.24 -2.21 -18.10
N HIS A 263 -5.23 -2.70 -18.85
CA HIS A 263 -5.51 -4.13 -18.90
C HIS A 263 -4.44 -4.97 -19.61
N MET A 264 -4.16 -4.61 -20.86
CA MET A 264 -3.23 -5.40 -21.69
C MET A 264 -1.88 -5.63 -21.03
N VAL A 265 -1.11 -6.56 -21.60
CA VAL A 265 0.19 -6.94 -21.07
C VAL A 265 1.33 -6.60 -22.04
N PRO A 266 1.96 -5.43 -21.86
CA PRO A 266 3.18 -5.08 -22.58
C PRO A 266 4.38 -5.67 -21.86
N GLN A 267 5.56 -5.61 -22.46
CA GLN A 267 6.74 -6.20 -21.86
C GLN A 267 6.52 -7.68 -21.59
N PRO A 268 6.06 -8.44 -22.59
CA PRO A 268 5.92 -9.89 -22.40
C PRO A 268 7.26 -10.49 -21.97
N ALA A 269 7.24 -11.31 -20.93
CA ALA A 269 8.47 -11.83 -20.32
C ALA A 269 9.57 -12.26 -21.29
N ASN A 270 10.76 -11.68 -21.11
CA ASN A 270 11.91 -11.98 -21.94
C ASN A 270 12.44 -13.39 -21.69
N GLY A 271 13.15 -13.94 -22.68
CA GLY A 271 13.64 -15.30 -22.57
C GLY A 271 14.69 -15.48 -21.50
N GLU A 272 15.52 -14.46 -21.32
CA GLU A 272 16.66 -14.55 -20.40
C GLU A 272 16.22 -14.58 -18.93
N ILE A 273 15.10 -13.96 -18.62
CA ILE A 273 14.70 -13.74 -17.23
C ILE A 273 13.33 -14.35 -16.90
N ARG A 274 13.32 -15.24 -15.91
CA ARG A 274 12.09 -15.83 -15.41
C ARG A 274 11.27 -14.79 -14.65
N VAL A 275 10.13 -14.39 -15.22
CA VAL A 275 9.27 -13.38 -14.60
C VAL A 275 7.98 -14.02 -14.08
N LYS A 276 7.51 -13.55 -12.93
CA LYS A 276 6.30 -14.08 -12.32
C LYS A 276 5.08 -13.80 -13.21
N SER A 277 4.31 -14.84 -13.50
CA SER A 277 3.14 -14.67 -14.37
C SER A 277 1.91 -14.17 -13.60
N MET A 278 1.01 -13.51 -14.31
CA MET A 278 -0.22 -13.03 -13.70
C MET A 278 -1.19 -14.20 -13.50
N GLU A 279 -1.89 -14.19 -12.37
CA GLU A 279 -2.81 -15.26 -12.01
C GLU A 279 -4.06 -14.71 -11.35
N TYR A 280 -5.13 -15.50 -11.36
CA TYR A 280 -6.29 -15.21 -10.53
C TYR A 280 -6.97 -16.51 -10.13
N VAL A 281 -7.61 -16.52 -8.97
CA VAL A 281 -8.27 -17.71 -8.48
C VAL A 281 -9.77 -17.60 -8.71
N SER A 282 -10.40 -18.69 -9.10
CA SER A 282 -11.85 -18.75 -9.21
C SER A 282 -12.27 -20.05 -8.57
N ARG A 283 -13.47 -20.10 -8.01
CA ARG A 283 -13.99 -21.36 -7.51
C ARG A 283 -15.30 -21.59 -8.25
N HIS A 284 -15.66 -22.86 -8.43
CA HIS A 284 -16.76 -23.23 -9.28
C HIS A 284 -17.63 -24.24 -8.59
N ALA A 285 -18.93 -24.20 -8.83
CA ALA A 285 -19.80 -25.27 -8.38
C ALA A 285 -19.44 -26.50 -9.20
N ILE A 286 -19.98 -27.66 -8.82
CA ILE A 286 -19.70 -28.93 -9.48
C ILE A 286 -19.93 -28.87 -10.99
N ASP A 287 -20.94 -28.11 -11.42
CA ASP A 287 -21.31 -28.05 -12.83
C ASP A 287 -20.59 -26.94 -13.60
N GLY A 288 -19.68 -26.24 -12.93
CA GLY A 288 -18.85 -25.25 -13.61
C GLY A 288 -19.19 -23.78 -13.37
N LYS A 289 -20.33 -23.51 -12.75
CA LYS A 289 -20.72 -22.12 -12.49
C LYS A 289 -19.77 -21.42 -11.54
N PHE A 290 -19.35 -20.23 -11.91
CA PHE A 290 -18.56 -19.37 -11.02
C PHE A 290 -19.30 -19.14 -9.70
N VAL A 291 -18.67 -19.49 -8.58
CA VAL A 291 -19.22 -19.16 -7.26
C VAL A 291 -18.29 -18.21 -6.50
N PHE A 292 -17.09 -18.00 -7.03
CA PHE A 292 -16.14 -17.05 -6.47
C PHE A 292 -15.09 -16.71 -7.49
N VAL A 293 -14.68 -15.46 -7.50
CA VAL A 293 -13.60 -15.00 -8.35
C VAL A 293 -12.84 -13.92 -7.58
N ASP A 294 -11.52 -13.91 -7.64
CA ASP A 294 -10.79 -12.95 -6.82
C ASP A 294 -10.55 -11.64 -7.58
N GLN A 295 -10.12 -10.60 -6.87
CA GLN A 295 -9.99 -9.24 -7.42
C GLN A 295 -9.13 -9.19 -8.65
N ARG A 296 -8.11 -10.04 -8.70
CA ARG A 296 -7.21 -10.07 -9.84
C ARG A 296 -7.94 -10.43 -11.13
N ALA A 297 -9.11 -11.05 -11.00
CA ALA A 297 -9.84 -11.49 -12.18
C ALA A 297 -10.41 -10.30 -12.93
N THR A 298 -10.81 -9.26 -12.21
CA THR A 298 -11.31 -8.06 -12.86
C THR A 298 -10.17 -7.39 -13.62
N ALA A 299 -8.97 -7.50 -13.09
CA ALA A 299 -7.81 -6.87 -13.69
C ALA A 299 -7.44 -7.57 -14.99
N ILE A 300 -7.63 -8.89 -15.00
CA ILE A 300 -7.21 -9.69 -16.14
C ILE A 300 -8.27 -9.79 -17.23
N LEU A 301 -9.51 -10.03 -16.83
CA LEU A 301 -10.63 -10.31 -17.74
C LEU A 301 -11.58 -9.13 -17.88
N ALA A 302 -11.36 -8.11 -17.06
CA ALA A 302 -12.16 -6.87 -17.10
C ALA A 302 -13.60 -7.04 -16.61
N TYR A 303 -14.05 -8.27 -16.37
CA TYR A 303 -15.38 -8.44 -15.77
C TYR A 303 -15.31 -8.02 -14.30
N LEU A 304 -16.36 -7.37 -13.82
CA LEU A 304 -16.55 -7.21 -12.38
C LEU A 304 -17.11 -8.52 -11.85
N PRO A 305 -16.81 -8.83 -10.59
CA PRO A 305 -17.18 -10.13 -10.01
C PRO A 305 -18.65 -10.49 -10.21
N GLN A 306 -19.55 -9.55 -9.95
CA GLN A 306 -20.98 -9.85 -10.06
C GLN A 306 -21.37 -10.22 -11.48
N GLU A 307 -20.52 -9.90 -12.45
CA GLU A 307 -20.76 -10.25 -13.84
C GLU A 307 -20.45 -11.72 -14.13
N LEU A 308 -19.47 -12.28 -13.42
CA LEU A 308 -19.08 -13.69 -13.61
C LEU A 308 -19.84 -14.65 -12.71
N LEU A 309 -20.07 -14.23 -11.47
CA LEU A 309 -20.71 -15.09 -10.49
C LEU A 309 -22.10 -15.52 -10.95
N GLY A 310 -22.39 -16.82 -10.82
CA GLY A 310 -23.67 -17.37 -11.24
C GLY A 310 -23.71 -17.75 -12.71
N THR A 311 -22.66 -17.40 -13.47
CA THR A 311 -22.60 -17.79 -14.87
C THR A 311 -21.69 -18.99 -15.04
N SER A 312 -21.88 -19.72 -16.14
CA SER A 312 -21.13 -20.93 -16.41
C SER A 312 -19.78 -20.65 -17.05
N CYS A 313 -18.75 -21.34 -16.58
CA CYS A 313 -17.43 -21.21 -17.17
C CYS A 313 -17.46 -21.48 -18.66
N TYR A 314 -18.39 -22.34 -19.10
CA TYR A 314 -18.44 -22.72 -20.52
C TYR A 314 -18.90 -21.59 -21.44
N GLU A 315 -19.50 -20.56 -20.85
CA GLU A 315 -19.88 -19.39 -21.60
C GLU A 315 -18.65 -18.63 -22.12
N TYR A 316 -17.49 -18.86 -21.51
CA TYR A 316 -16.30 -18.06 -21.81
C TYR A 316 -15.21 -18.82 -22.54
N PHE A 317 -15.23 -20.14 -22.46
CA PHE A 317 -14.22 -20.95 -23.13
C PHE A 317 -14.41 -20.85 -24.64
N HIS A 318 -13.31 -20.70 -25.38
CA HIS A 318 -13.34 -20.74 -26.83
C HIS A 318 -13.78 -22.14 -27.28
N GLN A 319 -14.68 -22.20 -28.27
CA GLN A 319 -15.25 -23.48 -28.72
C GLN A 319 -14.22 -24.56 -29.09
N ASP A 320 -13.04 -24.18 -29.56
CA ASP A 320 -12.02 -25.18 -29.88
C ASP A 320 -11.47 -25.85 -28.63
N ASP A 321 -11.71 -25.24 -27.48
CA ASP A 321 -11.13 -25.72 -26.22
C ASP A 321 -12.17 -26.36 -25.31
N ILE A 322 -13.44 -26.19 -25.66
CA ILE A 322 -14.52 -26.66 -24.81
C ILE A 322 -14.41 -28.15 -24.54
N GLY A 323 -14.13 -28.94 -25.56
N GLY A 323 -14.07 -28.91 -25.57
CA GLY A 323 -14.02 -30.38 -25.42
CA GLY A 323 -13.94 -30.36 -25.47
C GLY A 323 -13.00 -30.78 -24.37
C GLY A 323 -12.86 -30.83 -24.52
N HIS A 324 -11.74 -30.40 -24.63
N HIS A 324 -11.68 -30.23 -24.58
CA HIS A 324 -10.66 -30.69 -23.70
CA HIS A 324 -10.59 -30.67 -23.70
C HIS A 324 -10.99 -30.27 -22.27
C HIS A 324 -10.70 -30.11 -22.28
N LEU A 325 -11.49 -29.05 -22.12
CA LEU A 325 -11.77 -28.50 -20.79
C LEU A 325 -12.86 -29.29 -20.05
N ALA A 326 -13.93 -29.64 -20.74
CA ALA A 326 -15.01 -30.43 -20.15
C ALA A 326 -14.45 -31.78 -19.71
N GLU A 327 -13.48 -32.28 -20.47
CA GLU A 327 -12.87 -33.56 -20.12
C GLU A 327 -12.06 -33.44 -18.82
N CYS A 328 -11.29 -32.37 -18.68
CA CYS A 328 -10.57 -32.09 -17.42
C CYS A 328 -11.52 -31.88 -16.24
N HIS A 329 -12.65 -31.24 -16.50
CA HIS A 329 -13.69 -30.99 -15.50
C HIS A 329 -14.18 -32.33 -14.95
N ARG A 330 -14.67 -33.18 -15.86
CA ARG A 330 -15.16 -34.52 -15.50
C ARG A 330 -14.10 -35.30 -14.74
N GLN A 331 -12.85 -35.20 -15.17
CA GLN A 331 -11.77 -35.90 -14.48
C GLN A 331 -11.54 -35.38 -13.06
N VAL A 332 -11.56 -34.07 -12.90
CA VAL A 332 -11.19 -33.47 -11.63
C VAL A 332 -12.23 -33.82 -10.58
N LEU A 333 -13.48 -34.02 -11.01
CA LEU A 333 -14.50 -34.47 -10.06
C LEU A 333 -14.26 -35.90 -9.54
N GLN A 334 -13.40 -36.66 -10.23
CA GLN A 334 -13.17 -38.07 -9.90
C GLN A 334 -11.92 -38.33 -9.07
N THR A 335 -11.24 -37.27 -8.66
CA THR A 335 -9.96 -37.42 -7.96
C THR A 335 -9.72 -36.25 -7.01
N ARG A 336 -8.87 -36.44 -6.00
CA ARG A 336 -8.49 -35.35 -5.11
C ARG A 336 -7.20 -34.70 -5.57
N GLU A 337 -6.66 -35.18 -6.69
CA GLU A 337 -5.40 -34.65 -7.20
C GLU A 337 -5.60 -33.40 -8.04
N LYS A 338 -4.57 -32.56 -8.10
CA LYS A 338 -4.60 -31.38 -8.95
C LYS A 338 -4.50 -31.84 -10.39
N ILE A 339 -5.27 -31.19 -11.25
CA ILE A 339 -5.20 -31.42 -12.68
C ILE A 339 -4.88 -30.11 -13.35
N THR A 340 -3.95 -30.14 -14.30
CA THR A 340 -3.56 -28.97 -15.05
C THR A 340 -4.06 -29.10 -16.49
N THR A 341 -4.85 -28.12 -16.92
CA THR A 341 -5.38 -28.13 -18.28
C THR A 341 -4.29 -27.77 -19.28
N ASN A 342 -4.59 -27.96 -20.56
CA ASN A 342 -3.76 -27.39 -21.62
C ASN A 342 -4.06 -25.90 -21.67
N CYS A 343 -3.28 -25.15 -22.44
CA CYS A 343 -3.61 -23.75 -22.67
C CYS A 343 -4.95 -23.71 -23.39
N TYR A 344 -5.67 -22.62 -23.20
CA TYR A 344 -6.97 -22.49 -23.81
C TYR A 344 -7.29 -21.03 -23.89
N LYS A 345 -8.30 -20.68 -24.69
CA LYS A 345 -8.70 -19.30 -24.80
C LYS A 345 -9.97 -19.01 -24.02
N PHE A 346 -9.96 -17.86 -23.35
CA PHE A 346 -11.03 -17.42 -22.50
C PHE A 346 -11.47 -16.07 -23.03
N LYS A 347 -12.78 -15.89 -23.16
CA LYS A 347 -13.35 -14.67 -23.72
C LYS A 347 -13.50 -13.58 -22.68
N ILE A 348 -12.64 -12.55 -22.74
CA ILE A 348 -12.77 -11.43 -21.80
C ILE A 348 -13.90 -10.49 -22.19
N LYS A 349 -14.13 -9.47 -21.36
CA LYS A 349 -15.32 -8.62 -21.47
C LYS A 349 -15.51 -7.92 -22.82
N ASP A 350 -14.43 -7.51 -23.48
CA ASP A 350 -14.58 -6.81 -24.76
C ASP A 350 -14.80 -7.79 -25.91
N GLY A 351 -14.90 -9.07 -25.59
CA GLY A 351 -15.19 -10.08 -26.61
C GLY A 351 -13.96 -10.69 -27.25
N SER A 352 -12.79 -10.15 -26.95
CA SER A 352 -11.54 -10.77 -27.40
C SER A 352 -11.15 -11.94 -26.48
N PHE A 353 -10.15 -12.71 -26.90
CA PHE A 353 -9.71 -13.87 -26.14
C PHE A 353 -8.30 -13.71 -25.64
N ILE A 354 -8.07 -14.09 -24.39
CA ILE A 354 -6.72 -14.20 -23.88
C ILE A 354 -6.45 -15.68 -23.68
N THR A 355 -5.18 -16.03 -23.47
CA THR A 355 -4.83 -17.43 -23.33
C THR A 355 -4.48 -17.76 -21.90
N LEU A 356 -5.17 -18.77 -21.34
CA LEU A 356 -4.98 -19.15 -19.95
C LEU A 356 -4.54 -20.60 -19.83
N ARG A 357 -4.06 -20.95 -18.66
CA ARG A 357 -3.80 -22.34 -18.30
C ARG A 357 -4.22 -22.47 -16.83
N SER A 358 -5.01 -23.49 -16.53
CA SER A 358 -5.60 -23.59 -15.20
C SER A 358 -5.15 -24.84 -14.47
N ARG A 359 -4.94 -24.69 -13.17
CA ARG A 359 -4.70 -25.84 -12.30
C ARG A 359 -5.90 -26.00 -11.37
N TRP A 360 -6.62 -27.11 -11.54
CA TRP A 360 -7.90 -27.37 -10.89
C TRP A 360 -7.79 -28.47 -9.83
N PHE A 361 -8.55 -28.34 -8.76
CA PHE A 361 -8.83 -29.50 -7.91
C PHE A 361 -10.22 -29.41 -7.30
N SER A 362 -10.81 -30.56 -7.03
CA SER A 362 -12.10 -30.57 -6.34
C SER A 362 -11.77 -30.67 -4.86
N PHE A 363 -12.06 -29.61 -4.11
CA PHE A 363 -11.75 -29.60 -2.70
C PHE A 363 -12.86 -30.31 -1.94
N MET A 364 -12.49 -31.31 -1.13
CA MET A 364 -13.51 -31.98 -0.34
C MET A 364 -13.50 -31.47 1.09
N ASN A 365 -14.66 -31.06 1.56
CA ASN A 365 -14.82 -30.65 2.94
C ASN A 365 -14.70 -31.93 3.78
N PRO A 366 -13.67 -32.01 4.64
CA PRO A 366 -13.45 -33.26 5.36
C PRO A 366 -14.49 -33.48 6.46
N TRP A 367 -15.21 -32.43 6.83
CA TRP A 367 -16.26 -32.56 7.84
C TRP A 367 -17.52 -33.15 7.24
N THR A 368 -17.82 -32.78 6.01
CA THR A 368 -19.04 -33.23 5.36
C THR A 368 -18.77 -34.36 4.37
N LYS A 369 -17.50 -34.53 3.98
CA LYS A 369 -17.13 -35.52 2.98
C LYS A 369 -17.80 -35.23 1.63
N GLU A 370 -18.09 -33.96 1.39
CA GLU A 370 -18.74 -33.51 0.17
C GLU A 370 -17.82 -32.54 -0.58
N VAL A 371 -17.79 -32.61 -1.90
CA VAL A 371 -17.04 -31.62 -2.66
C VAL A 371 -17.65 -30.22 -2.47
N GLU A 372 -16.86 -29.33 -1.89
CA GLU A 372 -17.27 -27.96 -1.59
C GLU A 372 -17.28 -27.12 -2.89
N TYR A 373 -16.21 -27.24 -3.68
CA TYR A 373 -16.15 -26.60 -4.99
C TYR A 373 -14.90 -27.04 -5.73
N ILE A 374 -14.86 -26.75 -7.03
CA ILE A 374 -13.67 -26.89 -7.82
C ILE A 374 -12.86 -25.61 -7.66
N VAL A 375 -11.63 -25.73 -7.18
CA VAL A 375 -10.80 -24.56 -6.96
C VAL A 375 -9.81 -24.48 -8.11
N SER A 376 -9.77 -23.33 -8.78
CA SER A 376 -8.98 -23.18 -10.00
C SER A 376 -8.02 -22.01 -9.89
N THR A 377 -6.73 -22.28 -10.10
CA THR A 377 -5.76 -21.23 -10.23
C THR A 377 -5.50 -21.05 -11.72
N ASN A 378 -5.85 -19.87 -12.22
CA ASN A 378 -5.79 -19.57 -13.64
C ASN A 378 -4.64 -18.63 -13.97
N THR A 379 -3.66 -19.13 -14.73
CA THR A 379 -2.48 -18.35 -15.09
C THR A 379 -2.55 -17.78 -16.52
N VAL A 380 -2.33 -16.48 -16.65
CA VAL A 380 -2.24 -15.85 -17.97
C VAL A 380 -1.01 -16.35 -18.72
N VAL A 381 -1.22 -16.89 -19.91
CA VAL A 381 -0.14 -17.47 -20.68
C VAL A 381 0.33 -16.52 -21.78
N LEU A 382 1.65 -16.40 -21.93
CA LEU A 382 2.26 -15.52 -22.91
C LEU A 382 2.19 -16.13 -24.32
N SER B 19 14.30 37.53 34.61
CA SER B 19 13.37 37.00 33.62
C SER B 19 13.82 37.34 32.21
N GLU B 20 14.51 38.47 32.08
CA GLU B 20 15.03 38.90 30.78
C GLU B 20 16.16 37.99 30.32
N LYS B 21 16.96 37.49 31.28
CA LYS B 21 18.05 36.59 30.96
C LYS B 21 17.54 35.23 30.51
N LYS B 22 16.37 34.84 31.03
CA LYS B 22 15.80 33.55 30.67
C LYS B 22 15.22 33.57 29.26
N ARG B 23 14.57 34.68 28.91
CA ARG B 23 14.01 34.83 27.57
C ARG B 23 15.12 35.03 26.55
N ARG B 24 16.21 35.65 26.98
CA ARG B 24 17.36 35.89 26.13
C ARG B 24 18.07 34.57 25.83
N ASP B 25 18.17 33.73 26.85
CA ASP B 25 18.81 32.42 26.72
C ASP B 25 17.98 31.46 25.88
N GLN B 26 16.66 31.47 26.07
CA GLN B 26 15.77 30.62 25.28
C GLN B 26 15.80 31.05 23.83
N PHE B 27 15.87 32.37 23.65
CA PHE B 27 15.99 32.95 22.32
C PHE B 27 17.27 32.48 21.62
N ASN B 28 18.39 32.53 22.34
CA ASN B 28 19.68 32.06 21.81
C ASN B 28 19.64 30.59 21.46
N VAL B 29 18.96 29.79 22.27
CA VAL B 29 18.85 28.35 22.03
C VAL B 29 18.09 28.09 20.75
N LEU B 30 17.01 28.85 20.56
CA LEU B 30 16.19 28.71 19.37
C LEU B 30 16.98 29.11 18.12
N ILE B 31 17.77 30.17 18.24
CA ILE B 31 18.54 30.68 17.11
C ILE B 31 19.63 29.68 16.71
N LYS B 32 20.29 29.10 17.70
CA LYS B 32 21.37 28.14 17.47
C LYS B 32 20.84 26.85 16.87
N GLU B 33 19.65 26.42 17.30
CA GLU B 33 19.03 25.23 16.73
C GLU B 33 18.66 25.51 15.28
N LEU B 34 18.08 26.68 15.04
CA LEU B 34 17.69 27.10 13.71
C LEU B 34 18.90 27.09 12.76
N GLY B 35 20.03 27.58 13.25
CA GLY B 35 21.24 27.71 12.45
C GLY B 35 21.93 26.39 12.18
N SER B 36 21.86 25.48 13.16
CA SER B 36 22.41 24.14 13.01
C SER B 36 21.78 23.43 11.81
N MET B 37 20.53 23.78 11.51
CA MET B 37 19.81 23.16 10.40
C MET B 37 20.15 23.83 9.07
N LEU B 38 20.97 24.86 9.12
CA LEU B 38 21.33 25.58 7.90
C LEU B 38 22.44 24.86 7.14
N PRO B 39 22.27 24.73 5.83
CA PRO B 39 23.22 24.07 4.92
C PRO B 39 24.51 24.89 4.73
N GLY B 40 25.57 24.23 4.27
CA GLY B 40 26.84 24.90 4.04
C GLY B 40 27.93 24.45 4.99
N ASN B 41 29.19 24.68 4.59
CA ASN B 41 30.33 24.33 5.43
C ASN B 41 30.41 25.20 6.67
N ALA B 42 30.37 26.52 6.48
CA ALA B 42 30.46 27.48 7.58
C ALA B 42 29.27 27.39 8.52
N ARG B 43 29.55 27.40 9.82
CA ARG B 43 28.51 27.40 10.84
C ARG B 43 28.41 28.77 11.51
N LYS B 44 27.55 29.62 10.97
CA LYS B 44 27.39 30.99 11.48
C LYS B 44 26.65 31.02 12.81
N MET B 45 27.18 31.80 13.74
CA MET B 45 26.63 31.89 15.09
C MET B 45 25.82 33.16 15.29
N ASP B 46 26.10 34.18 14.47
CA ASP B 46 25.44 35.48 14.59
C ASP B 46 23.91 35.36 14.43
N LYS B 47 23.18 35.72 15.48
CA LYS B 47 21.71 35.71 15.45
C LYS B 47 21.18 36.32 14.17
N SER B 48 21.68 37.50 13.83
CA SER B 48 21.25 38.21 12.64
C SER B 48 21.54 37.42 11.38
N THR B 49 22.74 36.85 11.30
CA THR B 49 23.17 36.06 10.15
C THR B 49 22.28 34.83 10.00
N VAL B 50 22.04 34.14 11.11
CA VAL B 50 21.19 32.96 11.10
C VAL B 50 19.77 33.29 10.63
N LEU B 51 19.18 34.37 11.13
CA LEU B 51 17.85 34.76 10.71
C LEU B 51 17.79 35.11 9.23
N GLN B 52 18.81 35.82 8.75
CA GLN B 52 18.87 36.19 7.34
C GLN B 52 18.91 34.96 6.46
N LYS B 53 19.78 34.02 6.82
CA LYS B 53 19.98 32.81 6.02
C LYS B 53 18.78 31.88 6.09
N SER B 54 18.06 31.88 7.20
CA SER B 54 16.89 31.04 7.40
C SER B 54 15.73 31.55 6.54
N ILE B 55 15.56 32.87 6.53
CA ILE B 55 14.58 33.52 5.67
C ILE B 55 14.90 33.22 4.21
N ASP B 56 16.18 33.30 3.87
CA ASP B 56 16.62 33.04 2.51
C ASP B 56 16.33 31.61 2.09
N PHE B 57 16.44 30.69 3.05
CA PHE B 57 16.24 29.28 2.76
C PHE B 57 14.77 28.97 2.53
N LEU B 58 13.92 29.45 3.43
CA LEU B 58 12.49 29.20 3.30
C LEU B 58 11.97 29.81 2.00
N ARG B 59 12.52 30.98 1.66
CA ARG B 59 12.11 31.70 0.47
C ARG B 59 12.53 30.96 -0.81
N LYS B 60 13.77 30.49 -0.86
CA LYS B 60 14.24 29.72 -2.02
C LYS B 60 13.49 28.41 -2.13
N HIS B 61 12.92 27.95 -1.01
CA HIS B 61 12.19 26.70 -0.99
C HIS B 61 10.77 26.86 -1.54
N LYS B 62 10.14 27.99 -1.23
CA LYS B 62 8.82 28.28 -1.79
C LYS B 62 8.95 28.55 -3.28
N GLU B 63 9.96 29.35 -3.63
CA GLU B 63 10.27 29.66 -5.02
C GLU B 63 10.48 28.40 -5.85
N THR B 64 11.31 27.49 -5.34
CA THR B 64 11.64 26.27 -6.06
C THR B 64 10.45 25.31 -6.15
N THR B 65 9.72 25.17 -5.05
CA THR B 65 8.55 24.30 -5.03
C THR B 65 7.40 24.89 -5.85
N ALA B 66 7.57 26.13 -6.31
CA ALA B 66 6.57 26.80 -7.14
C ALA B 66 7.00 26.82 -8.60
N GLN B 67 8.23 26.42 -8.86
CA GLN B 67 8.80 26.46 -10.21
C GLN B 67 9.34 25.10 -10.62
N SER B 68 9.00 24.07 -9.85
CA SER B 68 9.51 22.72 -10.11
C SER B 68 9.04 22.17 -11.45
N ASP B 69 9.68 21.11 -11.90
CA ASP B 69 9.30 20.45 -13.16
C ASP B 69 8.05 19.60 -12.96
N ALA B 70 8.09 18.73 -11.96
CA ALA B 70 6.95 17.88 -11.64
C ALA B 70 5.84 18.68 -10.97
N SER B 71 4.79 19.00 -11.73
CA SER B 71 3.67 19.77 -11.21
C SER B 71 2.89 18.98 -10.16
N GLU B 72 3.18 17.69 -10.08
CA GLU B 72 2.51 16.80 -9.14
C GLU B 72 2.89 17.11 -7.69
N ILE B 73 4.02 17.79 -7.52
CA ILE B 73 4.52 18.17 -6.20
C ILE B 73 3.78 19.40 -5.64
N ARG B 74 3.14 20.15 -6.52
CA ARG B 74 2.36 21.31 -6.10
C ARG B 74 0.89 20.97 -5.96
N GLN B 75 0.51 19.80 -6.45
CA GLN B 75 -0.89 19.39 -6.47
C GLN B 75 -1.43 19.07 -5.08
N ASP B 76 -2.72 19.36 -4.90
CA ASP B 76 -3.41 19.07 -3.66
C ASP B 76 -3.67 17.57 -3.58
N TRP B 77 -2.94 16.90 -2.70
CA TRP B 77 -3.01 15.44 -2.57
C TRP B 77 -3.51 14.96 -1.21
N LYS B 78 -2.82 15.37 -0.15
CA LYS B 78 -3.08 14.87 1.21
C LYS B 78 -4.02 15.76 2.03
N PRO B 79 -5.10 15.18 2.55
CA PRO B 79 -6.03 15.94 3.40
C PRO B 79 -5.38 16.31 4.72
N THR B 80 -5.69 17.51 5.21
CA THR B 80 -5.07 18.04 6.42
C THR B 80 -5.10 17.06 7.61
N PHE B 81 -6.23 16.38 7.79
CA PHE B 81 -6.43 15.50 8.92
C PHE B 81 -5.63 14.20 8.81
N LEU B 82 -4.95 14.04 7.69
CA LEU B 82 -4.18 12.83 7.45
C LEU B 82 -2.69 13.06 7.70
N SER B 83 -2.13 12.31 8.64
CA SER B 83 -0.71 12.40 8.95
C SER B 83 0.15 12.02 7.75
N ASN B 84 1.42 12.44 7.79
CA ASN B 84 2.37 12.07 6.74
C ASN B 84 2.61 10.57 6.71
N GLU B 85 2.70 9.98 7.89
CA GLU B 85 2.96 8.55 8.03
C GLU B 85 1.86 7.72 7.36
N GLU B 86 0.61 8.04 7.69
CA GLU B 86 -0.53 7.30 7.16
C GLU B 86 -0.69 7.52 5.66
N PHE B 87 -0.38 8.73 5.19
CA PHE B 87 -0.50 9.04 3.77
C PHE B 87 0.57 8.30 2.99
N THR B 88 1.69 8.03 3.64
CA THR B 88 2.79 7.32 3.00
C THR B 88 2.49 5.84 2.93
N GLN B 89 2.00 5.28 4.03
CA GLN B 89 1.59 3.88 4.04
C GLN B 89 0.54 3.64 2.97
N LEU B 90 -0.48 4.48 2.97
CA LEU B 90 -1.60 4.36 2.04
C LEU B 90 -1.13 4.46 0.59
N MET B 91 -0.36 5.49 0.29
CA MET B 91 0.11 5.69 -1.09
C MET B 91 0.99 4.53 -1.56
N LEU B 92 1.92 4.10 -0.70
CA LEU B 92 2.81 3.00 -1.07
C LEU B 92 2.03 1.71 -1.33
N GLU B 93 1.00 1.45 -0.53
CA GLU B 93 0.16 0.28 -0.76
C GLU B 93 -0.52 0.38 -2.11
N ALA B 94 -1.25 1.47 -2.31
CA ALA B 94 -1.96 1.73 -3.57
C ALA B 94 -1.02 1.62 -4.76
N LEU B 95 0.24 1.96 -4.56
CA LEU B 95 1.18 2.02 -5.69
C LEU B 95 2.03 0.77 -5.84
N ASP B 96 1.81 -0.23 -4.97
CA ASP B 96 2.68 -1.40 -4.95
C ASP B 96 4.14 -0.99 -4.88
N GLY B 97 4.45 -0.04 -4.00
CA GLY B 97 5.82 0.44 -3.90
C GLY B 97 6.42 0.30 -2.51
N PHE B 98 7.75 0.36 -2.44
CA PHE B 98 8.46 0.45 -1.17
C PHE B 98 9.59 1.47 -1.31
N PHE B 99 10.17 1.90 -0.20
CA PHE B 99 11.31 2.81 -0.26
C PHE B 99 12.60 2.00 -0.23
N LEU B 100 13.60 2.46 -0.98
CA LEU B 100 14.90 1.80 -1.03
C LEU B 100 16.01 2.84 -1.13
N ALA B 101 17.02 2.74 -0.26
CA ALA B 101 18.19 3.61 -0.34
C ALA B 101 19.44 2.77 -0.49
N ILE B 102 20.20 3.02 -1.54
CA ILE B 102 21.43 2.27 -1.80
C ILE B 102 22.62 3.18 -2.13
N MET B 103 23.74 2.94 -1.46
CA MET B 103 24.99 3.62 -1.78
C MET B 103 25.30 3.49 -3.27
N THR B 104 26.00 4.49 -3.82
CA THR B 104 26.47 4.41 -5.20
C THR B 104 27.27 3.13 -5.37
N ASP B 105 27.82 2.67 -4.25
CA ASP B 105 28.50 1.38 -4.16
C ASP B 105 27.58 0.25 -4.61
N GLY B 106 26.28 0.42 -4.38
CA GLY B 106 25.31 -0.61 -4.65
C GLY B 106 24.80 -1.26 -3.37
N SER B 107 25.40 -0.86 -2.26
CA SER B 107 25.03 -1.41 -0.95
C SER B 107 23.72 -0.83 -0.45
N ILE B 108 22.75 -1.70 -0.20
CA ILE B 108 21.48 -1.26 0.35
C ILE B 108 21.68 -0.77 1.77
N ILE B 109 21.23 0.45 2.06
CA ILE B 109 21.32 1.00 3.42
C ILE B 109 19.94 1.14 4.05
N TYR B 110 18.89 1.18 3.23
CA TYR B 110 17.53 1.24 3.77
C TYR B 110 16.51 0.56 2.86
N VAL B 111 15.44 0.04 3.45
CA VAL B 111 14.30 -0.50 2.69
C VAL B 111 13.02 -0.56 3.54
N SER B 112 11.89 -0.13 2.96
CA SER B 112 10.61 -0.13 3.66
C SER B 112 10.13 -1.53 4.02
N GLU B 113 9.37 -1.61 5.12
CA GLU B 113 8.79 -2.86 5.58
C GLU B 113 7.97 -3.55 4.49
N SER B 114 7.32 -2.74 3.65
CA SER B 114 6.38 -3.27 2.66
C SER B 114 7.07 -4.10 1.58
N VAL B 115 8.40 -4.02 1.53
CA VAL B 115 9.15 -4.84 0.58
C VAL B 115 8.78 -6.30 0.80
N THR B 116 8.50 -6.67 2.05
CA THR B 116 8.18 -8.06 2.36
C THR B 116 6.91 -8.54 1.66
N SER B 117 5.86 -7.71 1.65
CA SER B 117 4.65 -8.14 0.97
C SER B 117 4.80 -8.01 -0.55
N LEU B 118 5.77 -7.25 -1.03
CA LEU B 118 5.87 -7.06 -2.49
C LEU B 118 6.83 -8.07 -3.12
N LEU B 119 7.99 -8.29 -2.48
CA LEU B 119 9.00 -9.18 -3.05
C LEU B 119 9.37 -10.38 -2.15
N GLU B 120 8.75 -10.44 -0.97
CA GLU B 120 8.96 -11.57 -0.06
C GLU B 120 10.39 -11.69 0.44
N HIS B 121 11.03 -10.54 0.63
CA HIS B 121 12.30 -10.47 1.34
C HIS B 121 12.06 -9.80 2.68
N LEU B 122 12.78 -10.24 3.70
CA LEU B 122 12.81 -9.51 4.96
C LEU B 122 13.79 -8.36 4.78
N PRO B 123 13.49 -7.20 5.36
CA PRO B 123 14.43 -6.07 5.36
C PRO B 123 15.86 -6.47 5.75
N SER B 124 16.00 -7.47 6.61
CA SER B 124 17.34 -7.91 7.03
C SER B 124 18.04 -8.71 5.94
N ASP B 125 17.27 -9.18 4.96
CA ASP B 125 17.82 -9.87 3.80
C ASP B 125 18.48 -8.90 2.84
N LEU B 126 18.08 -7.63 2.92
CA LEU B 126 18.49 -6.64 1.94
C LEU B 126 19.53 -5.68 2.51
N VAL B 127 19.26 -5.17 3.71
CA VAL B 127 20.15 -4.22 4.35
C VAL B 127 21.55 -4.80 4.52
N ASP B 128 22.56 -4.01 4.16
CA ASP B 128 23.97 -4.42 4.24
C ASP B 128 24.30 -5.47 3.19
N GLN B 129 23.53 -5.47 2.11
CA GLN B 129 23.77 -6.36 0.99
C GLN B 129 23.89 -5.54 -0.28
N SER B 130 24.45 -6.13 -1.33
CA SER B 130 24.51 -5.48 -2.62
C SER B 130 23.22 -5.69 -3.38
N ILE B 131 22.70 -4.61 -3.97
CA ILE B 131 21.49 -4.70 -4.78
C ILE B 131 21.70 -5.58 -6.00
N PHE B 132 22.95 -5.77 -6.41
CA PHE B 132 23.24 -6.56 -7.60
C PHE B 132 22.98 -8.06 -7.37
N ASN B 133 22.98 -8.47 -6.10
CA ASN B 133 22.56 -9.83 -5.75
C ASN B 133 21.09 -10.10 -6.09
N PHE B 134 20.34 -9.04 -6.38
CA PHE B 134 18.90 -9.15 -6.59
C PHE B 134 18.47 -8.71 -7.98
N ILE B 135 19.45 -8.37 -8.80
CA ILE B 135 19.21 -7.96 -10.18
C ILE B 135 19.89 -8.97 -11.09
N PRO B 136 19.23 -9.37 -12.18
CA PRO B 136 19.84 -10.34 -13.10
C PRO B 136 21.18 -9.82 -13.61
N GLU B 137 22.19 -10.68 -13.67
CA GLU B 137 23.54 -10.26 -14.07
C GLU B 137 23.57 -9.49 -15.39
N GLY B 138 22.71 -9.89 -16.32
CA GLY B 138 22.62 -9.21 -17.60
C GLY B 138 22.33 -7.72 -17.48
N GLU B 139 21.74 -7.32 -16.37
CA GLU B 139 21.32 -5.93 -16.19
C GLU B 139 22.27 -5.16 -15.27
N HIS B 140 23.33 -5.82 -14.83
CA HIS B 140 24.24 -5.20 -13.87
C HIS B 140 24.93 -3.94 -14.40
N SER B 141 25.64 -4.06 -15.52
CA SER B 141 26.46 -2.95 -16.03
C SER B 141 25.63 -1.68 -16.20
N GLU B 142 24.51 -1.79 -16.90
CA GLU B 142 23.63 -0.65 -17.10
C GLU B 142 23.31 0.03 -15.76
N VAL B 143 22.88 -0.76 -14.79
CA VAL B 143 22.52 -0.21 -13.50
C VAL B 143 23.74 0.42 -12.82
N TYR B 144 24.87 -0.28 -12.90
CA TYR B 144 26.13 0.29 -12.40
C TYR B 144 26.25 1.70 -12.94
N LYS B 145 26.14 1.80 -14.27
CA LYS B 145 26.23 3.11 -14.91
C LYS B 145 25.35 4.12 -14.19
N ILE B 146 24.04 3.86 -14.20
CA ILE B 146 23.09 4.80 -13.61
C ILE B 146 23.62 5.32 -12.29
N LEU B 147 24.04 4.40 -11.42
CA LEU B 147 24.45 4.74 -10.06
C LEU B 147 25.77 5.50 -9.99
N SER B 148 26.76 5.01 -10.73
CA SER B 148 28.12 5.56 -10.67
C SER B 148 28.27 6.85 -11.48
N THR B 149 27.60 6.91 -12.62
CA THR B 149 27.73 8.04 -13.54
C THR B 149 27.35 9.37 -12.88
N HIS B 150 26.15 9.44 -12.34
CA HIS B 150 25.67 10.70 -11.77
C HIS B 150 26.41 11.10 -10.51
N LEU B 151 27.07 12.25 -10.58
CA LEU B 151 27.67 12.89 -9.42
C LEU B 151 27.35 14.37 -9.50
N LEU B 152 26.76 14.92 -8.44
CA LEU B 152 26.38 16.32 -8.46
C LEU B 152 26.79 17.07 -7.20
N GLU B 153 27.14 18.34 -7.37
CA GLU B 153 27.44 19.24 -6.26
C GLU B 153 26.26 20.16 -6.01
N SER B 154 25.75 20.16 -4.79
CA SER B 154 24.57 20.95 -4.45
C SER B 154 24.93 22.19 -3.64
N ASP B 155 24.45 23.34 -4.09
CA ASP B 155 24.59 24.58 -3.36
C ASP B 155 23.86 24.47 -2.02
N SER B 156 24.38 25.14 -1.00
CA SER B 156 23.72 25.13 0.30
C SER B 156 22.29 25.64 0.19
N LEU B 157 22.10 26.68 -0.62
CA LEU B 157 20.80 27.33 -0.74
C LEU B 157 19.71 26.45 -1.36
N THR B 158 20.09 25.58 -2.29
CA THR B 158 19.12 24.74 -2.97
C THR B 158 19.27 23.24 -2.65
N PRO B 159 18.23 22.67 -2.00
CA PRO B 159 18.19 21.25 -1.64
C PRO B 159 18.42 20.34 -2.84
N GLU B 160 19.28 19.34 -2.68
CA GLU B 160 19.61 18.40 -3.76
C GLU B 160 18.36 17.82 -4.43
N TYR B 161 17.37 17.45 -3.63
CA TYR B 161 16.19 16.76 -4.17
C TYR B 161 15.26 17.67 -4.96
N LEU B 162 15.58 18.95 -5.00
CA LEU B 162 14.79 19.92 -5.75
C LEU B 162 15.39 20.15 -7.15
N LYS B 163 16.64 19.74 -7.32
CA LYS B 163 17.33 19.91 -8.59
C LYS B 163 16.97 18.80 -9.58
N SER B 164 16.49 19.21 -10.76
CA SER B 164 16.09 18.29 -11.81
C SER B 164 17.21 17.31 -12.17
N LYS B 165 18.44 17.81 -12.20
CA LYS B 165 19.59 16.98 -12.53
C LYS B 165 19.73 15.80 -11.56
N ASN B 166 19.24 15.97 -10.34
CA ASN B 166 19.36 14.92 -9.33
C ASN B 166 18.20 13.93 -9.36
N GLN B 167 17.14 14.27 -10.11
CA GLN B 167 15.98 13.40 -10.28
C GLN B 167 16.28 12.33 -11.33
N LEU B 168 15.72 11.15 -11.16
CA LEU B 168 16.02 10.02 -12.06
C LEU B 168 15.03 8.87 -11.94
N GLU B 169 14.75 8.23 -13.08
CA GLU B 169 13.89 7.05 -13.13
C GLU B 169 14.52 5.98 -14.02
N PHE B 170 14.36 4.71 -13.66
CA PHE B 170 14.86 3.63 -14.50
C PHE B 170 14.21 2.30 -14.12
N CYS B 171 14.17 1.35 -15.05
CA CYS B 171 13.50 0.08 -14.77
C CYS B 171 14.48 -1.09 -14.80
N CYS B 172 14.18 -2.13 -14.04
CA CYS B 172 15.00 -3.34 -14.06
C CYS B 172 14.28 -4.43 -13.29
N HIS B 173 14.77 -5.65 -13.38
CA HIS B 173 14.15 -6.74 -12.66
C HIS B 173 14.78 -6.94 -11.28
N MET B 174 13.96 -7.39 -10.34
CA MET B 174 14.41 -7.66 -8.99
C MET B 174 13.93 -9.02 -8.55
N LEU B 175 14.84 -9.80 -8.01
CA LEU B 175 14.53 -11.15 -7.55
C LEU B 175 13.46 -11.13 -6.47
N ARG B 176 12.48 -12.03 -6.59
CA ARG B 176 11.51 -12.26 -5.53
C ARG B 176 12.05 -13.26 -4.52
N GLY B 177 11.78 -13.00 -3.25
CA GLY B 177 12.09 -13.96 -2.21
C GLY B 177 11.11 -15.12 -2.31
N THR B 178 11.25 -16.11 -1.44
CA THR B 178 10.34 -17.25 -1.47
C THR B 178 10.30 -17.99 -0.14
N ILE B 179 9.24 -18.77 0.06
CA ILE B 179 9.13 -19.60 1.24
C ILE B 179 9.76 -20.96 0.99
N ASP B 180 9.74 -21.41 -0.26
CA ASP B 180 10.40 -22.65 -0.66
C ASP B 180 11.53 -22.41 -1.66
N PRO B 181 12.72 -22.93 -1.37
CA PRO B 181 13.90 -22.73 -2.22
C PRO B 181 13.79 -23.48 -3.55
N LYS B 182 12.89 -24.46 -3.60
CA LYS B 182 12.73 -25.29 -4.80
C LYS B 182 12.38 -24.47 -6.03
N GLU B 183 11.33 -23.66 -5.93
CA GLU B 183 10.89 -22.83 -7.04
C GLU B 183 12.07 -22.07 -7.65
N PRO B 184 12.13 -22.03 -8.99
CA PRO B 184 13.20 -21.34 -9.72
C PRO B 184 13.20 -19.83 -9.44
N SER B 185 14.38 -19.23 -9.47
CA SER B 185 14.49 -17.80 -9.29
C SER B 185 13.47 -17.13 -10.21
N THR B 186 12.78 -16.16 -9.65
CA THR B 186 11.68 -15.50 -10.35
C THR B 186 11.77 -14.01 -10.08
N TYR B 187 11.49 -13.22 -11.10
CA TYR B 187 11.71 -11.78 -11.02
C TYR B 187 10.44 -10.95 -11.17
N GLU B 188 10.52 -9.72 -10.67
CA GLU B 188 9.48 -8.73 -10.83
C GLU B 188 10.08 -7.56 -11.58
N TYR B 189 9.41 -7.07 -12.62
CA TYR B 189 9.85 -5.84 -13.25
C TYR B 189 9.47 -4.67 -12.37
N VAL B 190 10.43 -3.82 -12.07
CA VAL B 190 10.17 -2.67 -11.20
C VAL B 190 10.70 -1.39 -11.80
N ARG B 191 10.25 -0.29 -11.23
CA ARG B 191 10.64 1.06 -11.64
C ARG B 191 11.09 1.87 -10.42
N PHE B 192 12.36 2.28 -10.44
CA PHE B 192 12.90 3.21 -9.47
C PHE B 192 12.60 4.64 -9.88
N ILE B 193 12.00 5.40 -8.97
CA ILE B 193 11.80 6.82 -9.11
C ILE B 193 12.44 7.47 -7.89
N GLY B 194 13.64 8.01 -8.05
CA GLY B 194 14.34 8.58 -6.90
C GLY B 194 15.29 9.71 -7.26
N ASN B 195 16.10 10.10 -6.29
CA ASN B 195 17.11 11.12 -6.51
C ASN B 195 18.41 10.78 -5.78
N PHE B 196 19.49 11.46 -6.17
CA PHE B 196 20.76 11.31 -5.49
C PHE B 196 20.83 12.28 -4.30
N LYS B 197 21.36 11.79 -3.18
CA LYS B 197 21.46 12.57 -1.95
C LYS B 197 22.81 12.34 -1.27
N SER B 198 23.36 13.39 -0.67
CA SER B 198 24.61 13.30 0.07
C SER B 198 24.39 12.98 1.55
N LEU B 199 25.29 12.18 2.12
CA LEU B 199 25.18 11.79 3.52
C LEU B 199 26.31 12.35 4.37
N THR B 200 26.08 12.44 5.68
CA THR B 200 27.06 12.99 6.60
C THR B 200 28.24 12.04 6.79
N ARG B 225 29.50 9.82 2.10
CA ARG B 225 29.29 9.18 0.80
C ARG B 225 28.02 9.68 0.11
N VAL B 226 27.73 9.10 -1.05
CA VAL B 226 26.55 9.46 -1.83
C VAL B 226 25.64 8.24 -2.00
N CYS B 227 24.34 8.44 -1.84
CA CYS B 227 23.40 7.34 -2.05
C CYS B 227 22.26 7.75 -2.96
N PHE B 228 21.53 6.77 -3.45
CA PHE B 228 20.37 7.00 -4.30
C PHE B 228 19.16 6.50 -3.54
N VAL B 229 18.19 7.38 -3.31
CA VAL B 229 16.98 7.02 -2.58
C VAL B 229 15.77 7.08 -3.52
N ALA B 230 14.93 6.05 -3.50
CA ALA B 230 13.85 5.96 -4.46
C ALA B 230 12.61 5.28 -3.92
N THR B 231 11.49 5.54 -4.58
CA THR B 231 10.31 4.72 -4.46
C THR B 231 10.41 3.69 -5.58
N VAL B 232 10.32 2.42 -5.22
CA VAL B 232 10.40 1.32 -6.17
C VAL B 232 9.00 0.75 -6.34
N ARG B 233 8.47 0.79 -7.56
CA ARG B 233 7.12 0.34 -7.83
C ARG B 233 7.12 -0.88 -8.72
N LEU B 234 6.37 -1.91 -8.34
CA LEU B 234 6.24 -3.07 -9.21
C LEU B 234 5.39 -2.71 -10.42
N ALA B 235 5.79 -3.18 -11.60
CA ALA B 235 5.06 -2.88 -12.82
C ALA B 235 3.77 -3.67 -12.88
N THR B 236 3.81 -4.89 -12.34
CA THR B 236 2.63 -5.74 -12.29
C THR B 236 1.84 -5.45 -11.02
N PRO B 237 0.65 -4.88 -11.16
CA PRO B 237 -0.13 -4.51 -9.97
C PRO B 237 -0.42 -5.74 -9.11
N GLN B 238 -0.32 -5.58 -7.81
CA GLN B 238 -0.59 -6.66 -6.87
C GLN B 238 -1.85 -6.29 -6.08
N PHE B 239 -2.96 -6.89 -6.43
CA PHE B 239 -4.23 -6.54 -5.79
C PHE B 239 -4.46 -7.26 -4.47
N ILE B 240 -3.80 -8.39 -4.27
CA ILE B 240 -3.99 -9.16 -3.05
C ILE B 240 -2.64 -9.57 -2.49
N LYS B 241 -2.32 -9.08 -1.30
CA LYS B 241 -0.99 -9.31 -0.76
C LYS B 241 -1.08 -9.78 0.68
N GLU B 242 0.04 -10.27 1.19
CA GLU B 242 0.10 -10.73 2.56
C GLU B 242 0.44 -9.56 3.46
N MET B 243 -0.18 -9.52 4.63
CA MET B 243 0.18 -8.56 5.67
C MET B 243 1.32 -9.20 6.45
N CYS B 244 2.52 -8.63 6.33
CA CYS B 244 3.71 -9.32 6.80
C CYS B 244 4.22 -8.96 8.21
N THR B 245 3.65 -7.93 8.82
CA THR B 245 4.01 -7.62 10.20
C THR B 245 2.78 -7.42 11.08
N VAL B 246 2.85 -7.90 12.30
CA VAL B 246 1.80 -7.67 13.28
C VAL B 246 2.06 -6.33 13.96
N GLU B 247 1.37 -5.29 13.49
CA GLU B 247 1.55 -3.95 14.02
C GLU B 247 1.38 -3.94 15.54
N GLU B 248 0.29 -4.52 16.01
CA GLU B 248 0.05 -4.70 17.42
C GLU B 248 1.08 -5.70 17.96
N PRO B 249 1.51 -5.51 19.22
CA PRO B 249 2.42 -6.50 19.81
C PRO B 249 1.87 -7.90 19.60
N ASN B 250 0.59 -8.08 19.87
CA ASN B 250 -0.09 -9.37 19.68
C ASN B 250 -1.57 -9.17 19.46
N GLU B 251 -2.12 -9.79 18.41
CA GLU B 251 -3.58 -9.76 18.22
C GLU B 251 -4.20 -11.15 18.08
N GLU B 252 -5.40 -11.30 18.63
CA GLU B 252 -6.02 -12.60 18.77
C GLU B 252 -7.52 -12.43 18.69
N PHE B 253 -8.21 -13.39 18.09
CA PHE B 253 -9.67 -13.34 18.07
C PHE B 253 -10.25 -14.74 18.09
N THR B 254 -11.56 -14.85 18.25
CA THR B 254 -12.18 -16.13 18.47
C THR B 254 -13.32 -16.34 17.47
N SER B 255 -13.45 -17.57 16.98
CA SER B 255 -14.67 -17.96 16.27
C SER B 255 -15.14 -19.33 16.78
N ARG B 256 -16.37 -19.70 16.45
CA ARG B 256 -16.82 -21.09 16.59
C ARG B 256 -17.34 -21.55 15.23
N HIS B 257 -17.12 -22.82 14.90
CA HIS B 257 -17.54 -23.35 13.62
C HIS B 257 -18.43 -24.54 13.84
N SER B 258 -19.38 -24.75 12.92
CA SER B 258 -20.31 -25.88 13.04
C SER B 258 -19.58 -27.12 12.61
N LEU B 259 -20.28 -28.25 12.70
CA LEU B 259 -19.72 -29.53 12.26
C LEU B 259 -19.67 -29.66 10.74
N GLU B 260 -19.93 -28.55 10.02
CA GLU B 260 -19.75 -28.51 8.58
C GLU B 260 -18.65 -27.52 8.25
N TRP B 261 -18.09 -26.95 9.30
CA TRP B 261 -17.09 -25.89 9.23
C TRP B 261 -17.64 -24.52 8.82
N LYS B 262 -18.92 -24.28 9.10
CA LYS B 262 -19.52 -22.96 8.89
C LYS B 262 -19.41 -22.10 10.13
N PHE B 263 -19.24 -20.79 9.95
CA PHE B 263 -19.17 -19.89 11.09
C PHE B 263 -20.48 -19.87 11.87
N LEU B 264 -20.39 -20.06 13.18
CA LEU B 264 -21.51 -19.95 14.13
C LEU B 264 -21.32 -18.77 15.09
N PHE B 265 -20.09 -18.31 15.21
CA PHE B 265 -19.77 -17.23 16.16
C PHE B 265 -18.48 -16.56 15.75
N LEU B 266 -18.42 -15.25 15.93
CA LEU B 266 -17.22 -14.46 15.68
C LEU B 266 -17.24 -13.36 16.74
N ASP B 267 -16.21 -13.30 17.58
CA ASP B 267 -16.22 -12.39 18.72
C ASP B 267 -15.87 -10.95 18.34
N HIS B 268 -16.00 -10.04 19.30
CA HIS B 268 -15.87 -8.63 19.05
C HIS B 268 -14.43 -8.23 18.71
N ARG B 269 -13.49 -9.13 18.94
CA ARG B 269 -12.09 -8.85 18.62
C ARG B 269 -11.76 -9.08 17.15
N ALA B 270 -12.64 -9.77 16.44
CA ALA B 270 -12.34 -10.16 15.05
C ALA B 270 -12.42 -9.04 14.02
N PRO B 271 -13.49 -8.23 14.05
CA PRO B 271 -13.64 -7.15 13.04
C PRO B 271 -12.46 -6.18 12.90
N PRO B 272 -11.82 -5.77 14.00
CA PRO B 272 -10.69 -4.84 13.80
C PRO B 272 -9.52 -5.55 13.14
N ILE B 273 -9.56 -6.88 13.12
CA ILE B 273 -8.48 -7.65 12.52
C ILE B 273 -8.83 -8.08 11.09
N ILE B 274 -9.97 -8.75 10.92
CA ILE B 274 -10.34 -9.27 9.61
C ILE B 274 -11.36 -8.43 8.82
N GLY B 275 -11.88 -7.37 9.42
CA GLY B 275 -12.74 -6.46 8.70
C GLY B 275 -14.22 -6.81 8.77
N TYR B 276 -14.54 -8.10 8.63
CA TYR B 276 -15.94 -8.52 8.57
C TYR B 276 -16.64 -8.33 9.91
N LEU B 277 -17.89 -7.90 9.88
CA LEU B 277 -18.75 -7.99 11.07
C LEU B 277 -19.32 -9.41 11.11
N PRO B 278 -19.73 -9.88 12.31
CA PRO B 278 -20.21 -11.28 12.39
C PRO B 278 -21.26 -11.64 11.35
N PHE B 279 -22.29 -10.82 11.17
CA PHE B 279 -23.39 -11.18 10.28
C PHE B 279 -22.93 -11.42 8.83
N GLU B 280 -21.76 -10.88 8.49
CA GLU B 280 -21.19 -11.01 7.15
C GLU B 280 -20.62 -12.38 6.88
N VAL B 281 -20.19 -13.09 7.93
CA VAL B 281 -19.59 -14.39 7.72
C VAL B 281 -20.39 -15.57 8.30
N LEU B 282 -21.27 -15.29 9.25
CA LEU B 282 -22.07 -16.33 9.88
C LEU B 282 -22.80 -17.16 8.83
N GLY B 283 -22.69 -18.47 8.93
CA GLY B 283 -23.34 -19.37 8.00
C GLY B 283 -22.48 -19.68 6.78
N THR B 284 -21.38 -18.96 6.60
CA THR B 284 -20.49 -19.21 5.46
C THR B 284 -19.39 -20.18 5.84
N SER B 285 -18.86 -20.90 4.87
CA SER B 285 -17.83 -21.90 5.12
C SER B 285 -16.52 -21.20 5.47
N GLY B 286 -15.87 -21.70 6.52
CA GLY B 286 -14.53 -21.23 6.85
C GLY B 286 -13.62 -21.36 5.63
N TYR B 287 -13.80 -22.43 4.87
CA TYR B 287 -12.93 -22.70 3.74
C TYR B 287 -12.95 -21.60 2.66
N ASP B 288 -14.01 -20.80 2.61
CA ASP B 288 -14.09 -19.69 1.66
C ASP B 288 -13.00 -18.63 1.88
N TYR B 289 -12.42 -18.63 3.05
CA TYR B 289 -11.52 -17.53 3.41
C TYR B 289 -10.06 -17.93 3.39
N TYR B 290 -9.79 -19.19 3.09
CA TYR B 290 -8.41 -19.68 3.16
C TYR B 290 -7.77 -19.57 1.81
N HIS B 291 -6.45 -19.41 1.83
CA HIS B 291 -5.66 -19.36 0.63
C HIS B 291 -5.63 -20.77 0.03
N VAL B 292 -5.84 -20.85 -1.27
CA VAL B 292 -5.79 -22.09 -2.03
C VAL B 292 -4.66 -23.03 -1.62
N ASP B 293 -3.45 -22.49 -1.52
CA ASP B 293 -2.25 -23.28 -1.21
C ASP B 293 -2.25 -23.86 0.19
N ASP B 294 -3.18 -23.40 1.02
CA ASP B 294 -3.27 -23.85 2.39
C ASP B 294 -4.41 -24.85 2.57
N LEU B 295 -5.35 -24.88 1.62
CA LEU B 295 -6.55 -25.70 1.81
C LEU B 295 -6.20 -27.12 2.24
N GLU B 296 -5.33 -27.75 1.46
CA GLU B 296 -4.95 -29.13 1.68
C GLU B 296 -4.46 -29.32 3.11
N ASN B 297 -3.50 -28.50 3.51
CA ASN B 297 -2.93 -28.65 4.84
C ASN B 297 -3.99 -28.46 5.90
N LEU B 298 -4.84 -27.46 5.69
CA LEU B 298 -5.87 -27.16 6.69
C LEU B 298 -6.79 -28.36 6.82
N ALA B 299 -7.16 -28.95 5.68
CA ALA B 299 -8.01 -30.15 5.71
C ALA B 299 -7.34 -31.23 6.55
N LYS B 300 -6.05 -31.47 6.34
CA LYS B 300 -5.36 -32.49 7.14
C LYS B 300 -5.48 -32.16 8.63
N CYS B 301 -5.22 -30.90 8.99
CA CYS B 301 -5.33 -30.50 10.39
C CYS B 301 -6.72 -30.84 10.93
N HIS B 302 -7.75 -30.55 10.14
CA HIS B 302 -9.11 -30.79 10.58
C HIS B 302 -9.39 -32.26 10.79
N GLU B 303 -8.84 -33.11 9.93
CA GLU B 303 -9.03 -34.55 10.13
C GLU B 303 -8.42 -34.95 11.46
N HIS B 304 -7.22 -34.43 11.74
CA HIS B 304 -6.55 -34.73 12.99
C HIS B 304 -7.48 -34.30 14.13
N LEU B 305 -8.06 -33.12 13.97
CA LEU B 305 -8.97 -32.56 14.97
C LEU B 305 -10.16 -33.48 15.20
N MET B 306 -10.80 -33.91 14.10
CA MET B 306 -11.99 -34.74 14.23
C MET B 306 -11.63 -35.98 15.02
N GLN B 307 -10.37 -36.40 14.89
CA GLN B 307 -9.93 -37.64 15.49
C GLN B 307 -9.56 -37.49 16.96
N TYR B 308 -9.02 -36.34 17.34
CA TYR B 308 -8.45 -36.23 18.67
C TYR B 308 -9.21 -35.26 19.57
N GLY B 309 -9.99 -34.37 18.96
CA GLY B 309 -10.83 -33.46 19.71
C GLY B 309 -10.16 -32.15 20.05
N LYS B 310 -8.84 -32.11 19.89
CA LYS B 310 -8.05 -30.91 20.14
C LYS B 310 -7.01 -30.81 19.04
N GLY B 311 -6.50 -29.62 18.79
CA GLY B 311 -5.46 -29.50 17.78
C GLY B 311 -4.87 -28.12 17.63
N LYS B 312 -3.79 -28.03 16.88
CA LYS B 312 -3.19 -26.76 16.53
C LYS B 312 -2.94 -26.77 15.03
N SER B 313 -3.37 -25.72 14.34
CA SER B 313 -3.20 -25.68 12.90
C SER B 313 -1.76 -25.37 12.54
N CYS B 314 -1.44 -25.58 11.27
CA CYS B 314 -0.25 -25.05 10.64
C CYS B 314 -0.50 -23.56 10.45
N TYR B 315 0.54 -22.81 10.13
CA TYR B 315 0.39 -21.41 9.75
C TYR B 315 -0.42 -21.36 8.45
N TYR B 316 -1.38 -20.45 8.38
CA TYR B 316 -2.13 -20.31 7.13
C TYR B 316 -2.64 -18.89 6.89
N ARG B 317 -3.10 -18.64 5.67
CA ARG B 317 -3.51 -17.31 5.27
C ARG B 317 -5.04 -17.18 5.24
N PHE B 318 -5.54 -16.10 5.81
CA PHE B 318 -6.96 -15.82 5.90
C PHE B 318 -7.24 -14.52 5.17
N LEU B 319 -8.27 -14.53 4.32
CA LEU B 319 -8.56 -13.38 3.47
C LEU B 319 -9.44 -12.35 4.18
N THR B 320 -8.86 -11.19 4.53
CA THR B 320 -9.61 -10.15 5.23
C THR B 320 -10.61 -9.49 4.30
N LYS B 321 -11.57 -8.75 4.86
CA LYS B 321 -12.54 -8.06 4.02
C LYS B 321 -11.82 -7.12 3.07
N GLY B 322 -10.72 -6.55 3.55
CA GLY B 322 -9.97 -5.59 2.74
C GLY B 322 -9.01 -6.27 1.77
N GLN B 323 -9.15 -7.58 1.60
CA GLN B 323 -8.42 -8.31 0.57
C GLN B 323 -6.90 -8.36 0.82
N GLN B 324 -6.53 -8.60 2.06
CA GLN B 324 -5.16 -8.89 2.42
C GLN B 324 -5.16 -10.30 2.99
N TRP B 325 -4.09 -11.04 2.76
CA TRP B 325 -3.91 -12.28 3.50
C TRP B 325 -3.25 -11.94 4.83
N ILE B 326 -3.85 -12.35 5.94
CA ILE B 326 -3.13 -12.29 7.20
C ILE B 326 -2.71 -13.70 7.56
N TRP B 327 -1.53 -13.84 8.15
CA TRP B 327 -1.09 -15.15 8.58
C TRP B 327 -1.63 -15.44 9.96
N LEU B 328 -2.26 -16.60 10.09
CA LEU B 328 -2.79 -17.05 11.36
C LEU B 328 -2.19 -18.39 11.79
N GLN B 329 -2.28 -18.66 13.09
CA GLN B 329 -2.18 -20.02 13.61
C GLN B 329 -3.32 -20.20 14.60
N THR B 330 -4.04 -21.31 14.46
CA THR B 330 -5.27 -21.49 15.21
C THR B 330 -5.20 -22.71 16.15
N HIS B 331 -5.61 -22.50 17.39
CA HIS B 331 -5.84 -23.60 18.32
C HIS B 331 -7.33 -23.91 18.31
N TYR B 332 -7.63 -25.21 18.23
N TYR B 332 -7.67 -25.19 18.25
CA TYR B 332 -8.98 -25.73 18.09
CA TYR B 332 -9.07 -25.56 18.18
C TYR B 332 -9.28 -26.70 19.24
C TYR B 332 -9.40 -26.81 18.98
N TYR B 333 -10.55 -26.77 19.63
CA TYR B 333 -11.04 -27.93 20.38
C TYR B 333 -12.53 -28.11 20.13
N ILE B 334 -12.99 -29.36 20.13
CA ILE B 334 -14.40 -29.65 19.96
C ILE B 334 -15.11 -29.63 21.30
N THR B 335 -16.22 -28.90 21.36
CA THR B 335 -17.08 -28.95 22.53
C THR B 335 -18.15 -30.01 22.31
N TYR B 336 -18.36 -30.86 23.31
CA TYR B 336 -19.34 -31.94 23.20
C TYR B 336 -20.59 -31.60 24.01
N HIS B 337 -21.75 -32.11 23.57
CA HIS B 337 -23.01 -31.85 24.28
C HIS B 337 -22.93 -32.33 25.73
N GLN B 338 -23.45 -31.53 26.66
CA GLN B 338 -23.37 -31.86 28.09
C GLN B 338 -23.97 -33.22 28.45
N TRP B 339 -24.96 -33.68 27.69
CA TRP B 339 -25.69 -34.90 28.07
C TRP B 339 -25.56 -36.10 27.12
N ASN B 340 -25.58 -35.84 25.81
CA ASN B 340 -25.50 -36.94 24.84
C ASN B 340 -24.08 -37.19 24.35
N SER B 341 -23.19 -36.23 24.67
CA SER B 341 -21.76 -36.37 24.40
C SER B 341 -21.37 -36.32 22.92
N ARG B 342 -22.30 -35.92 22.05
CA ARG B 342 -22.00 -35.76 20.64
C ARG B 342 -21.37 -34.39 20.39
N PRO B 343 -20.48 -34.29 19.39
CA PRO B 343 -19.87 -33.02 19.00
C PRO B 343 -20.96 -31.99 18.75
N GLU B 344 -20.72 -30.75 19.18
CA GLU B 344 -21.70 -29.69 19.05
C GLU B 344 -21.12 -28.53 18.20
N PHE B 345 -19.88 -28.16 18.51
CA PHE B 345 -19.20 -27.15 17.72
C PHE B 345 -17.71 -27.11 18.03
N ILE B 346 -16.94 -26.41 17.21
CA ILE B 346 -15.50 -26.26 17.39
C ILE B 346 -15.16 -24.85 17.83
N VAL B 347 -14.42 -24.74 18.93
CA VAL B 347 -13.93 -23.46 19.40
C VAL B 347 -12.54 -23.19 18.82
N CYS B 348 -12.41 -22.07 18.12
CA CYS B 348 -11.15 -21.68 17.48
C CYS B 348 -10.58 -20.39 18.05
N THR B 349 -9.35 -20.46 18.54
CA THR B 349 -8.61 -19.28 18.98
C THR B 349 -7.51 -18.94 17.98
N HIS B 350 -7.69 -17.83 17.27
CA HIS B 350 -6.82 -17.44 16.17
C HIS B 350 -5.77 -16.42 16.62
N THR B 351 -4.51 -16.76 16.36
CA THR B 351 -3.40 -15.85 16.63
C THR B 351 -2.88 -15.29 15.30
N VAL B 352 -2.67 -13.98 15.24
CA VAL B 352 -2.04 -13.39 14.06
C VAL B 352 -0.53 -13.48 14.23
N VAL B 353 0.15 -13.88 13.17
CA VAL B 353 1.59 -14.09 13.26
C VAL B 353 2.31 -13.32 12.17
N SER B 354 3.56 -12.96 12.43
CA SER B 354 4.33 -12.19 11.46
C SER B 354 4.91 -13.11 10.40
N TYR B 355 5.21 -12.52 9.24
CA TYR B 355 5.84 -13.24 8.15
C TYR B 355 7.18 -13.80 8.60
N ALA B 356 7.92 -13.06 9.43
CA ALA B 356 9.23 -13.55 9.87
C ALA B 356 9.09 -14.89 10.60
N GLU B 357 8.05 -15.04 11.40
CA GLU B 357 7.81 -16.29 12.11
C GLU B 357 7.40 -17.40 11.16
N VAL B 358 6.51 -17.10 10.21
CA VAL B 358 6.07 -18.11 9.27
C VAL B 358 7.26 -18.67 8.47
N ARG B 359 8.11 -17.76 7.99
CA ARG B 359 9.24 -18.15 7.15
C ARG B 359 10.33 -18.83 7.95
N ALA B 360 10.49 -18.43 9.20
CA ALA B 360 11.53 -19.01 10.06
C ALA B 360 11.26 -20.49 10.25
N GLU B 361 9.98 -20.85 10.23
CA GLU B 361 9.53 -22.24 10.29
C GLU B 361 8.02 -22.31 10.42
#